data_8F7V
#
_entry.id   8F7V
#
_cell.length_a   48.678
_cell.length_b   50.193
_cell.length_c   92.024
_cell.angle_alpha   90.000
_cell.angle_beta   93.310
_cell.angle_gamma   90.000
#
_symmetry.space_group_name_H-M   'P 1 21 1'
#
loop_
_entity.id
_entity.type
_entity.pdbx_description
1 polymer Plasminogen
2 non-polymer (6S,9R,19S,22R)-N-{[4-(aminomethyl)phenyl]methyl}-22-[(benzenesulfonyl)amino]-3,12,21-trioxo-2,6,9,13,20-pentaazatetracyclo[22.2.2.2~6,9~.2~14,17~]dotriaconta-1(26),14,16,24,27,29-hexaene-19-carboxamide
3 non-polymer 'SULFATE ION'
4 non-polymer GLYCEROL
5 water water
#
_entity_poly.entity_id   1
_entity_poly.type   'polypeptide(L)'
_entity_poly.pdbx_seq_one_letter_code
;AAPSFDCGKPQVEPKKCPGRVVGGCVAHPHSWPWQVSLRTRFGMHFCGGTLISPEWVLTAAHCLEKSPRPSSYKVILGAH
QEVNLEPHVQEIEVSRLFLEPTRKDIALLKLSSPAVITDKVIPACLPSPNYVVADRTECFITGWGETQGTFGAGLLKEAQ
LPVIENKVCNRYEFLNGRVQSTELCAGHLAGGTDSCQGDAGGPLVCFEKDKYILQGVTSWGLGCARPNKPGVYVRVSRFV
TWIEGVMRNN
;
_entity_poly.pdbx_strand_id   A,B
#
# COMPACT_ATOMS: atom_id res chain seq x y z
N ASP A 6 13.38 13.81 32.57
CA ASP A 6 14.09 14.51 31.56
C ASP A 6 13.66 13.97 30.20
N CYS A 7 14.01 14.66 29.15
CA CYS A 7 13.69 14.19 27.85
C CYS A 7 14.78 14.46 26.85
N GLY A 8 14.90 13.58 25.90
CA GLY A 8 15.80 13.75 24.81
C GLY A 8 17.27 13.56 25.00
N LYS A 9 17.65 13.23 26.22
CA LYS A 9 19.05 13.03 26.53
C LYS A 9 19.26 11.58 26.87
N PRO A 10 19.85 10.87 25.96
CA PRO A 10 20.11 9.46 26.16
C PRO A 10 21.25 9.25 27.14
N GLN A 11 21.08 8.29 28.01
CA GLN A 11 22.13 7.93 28.93
C GLN A 11 23.28 7.22 28.16
N VAL A 12 22.95 6.45 27.16
CA VAL A 12 23.93 5.84 26.33
C VAL A 12 23.98 6.66 25.06
N GLU A 13 25.10 7.33 24.81
CA GLU A 13 25.20 8.16 23.67
C GLU A 13 25.23 7.46 22.34
N PRO A 14 24.48 7.99 21.39
CA PRO A 14 24.42 7.39 20.08
C PRO A 14 25.67 7.63 19.29
N LYS A 15 25.88 6.84 18.28
CA LYS A 15 26.98 7.01 17.38
C LYS A 15 26.46 7.23 15.98
N LYS A 16 27.16 8.00 15.17
CA LYS A 16 26.74 8.18 13.79
C LYS A 16 27.18 6.95 13.06
N CYS A 17 26.82 6.80 11.80
CA CYS A 17 27.20 5.62 11.04
C CYS A 17 28.58 5.75 10.48
N PRO A 18 29.16 4.67 9.97
CA PRO A 18 30.51 4.80 9.42
C PRO A 18 30.72 5.73 8.25
N GLY A 19 29.75 5.81 7.37
N VAL A 21 14.99 0.07 8.22
CA VAL A 21 15.89 1.02 7.63
C VAL A 21 16.71 0.39 6.53
N VAL A 22 16.72 1.02 5.38
CA VAL A 22 17.48 0.58 4.23
C VAL A 22 18.75 1.36 4.30
N GLY A 23 19.89 0.70 4.20
CA GLY A 23 21.15 1.38 4.34
C GLY A 23 21.34 1.75 5.78
N GLY A 24 22.04 2.82 6.03
CA GLY A 24 22.27 3.25 7.38
C GLY A 24 23.15 2.27 8.13
N CYS A 25 22.94 2.14 9.41
CA CYS A 25 23.74 1.25 10.22
C CYS A 25 23.03 0.83 11.46
N VAL A 26 23.56 -0.16 12.15
CA VAL A 26 22.98 -0.60 13.38
C VAL A 26 23.30 0.40 14.45
N ALA A 27 22.32 0.74 15.24
CA ALA A 27 22.50 1.69 16.29
C ALA A 27 23.33 1.17 17.44
N HIS A 28 23.94 2.07 18.17
CA HIS A 28 24.67 1.72 19.34
C HIS A 28 23.55 1.35 20.29
N PRO A 29 23.61 0.19 20.90
CA PRO A 29 22.49 -0.28 21.71
C PRO A 29 22.00 0.64 22.82
N HIS A 30 20.70 0.92 22.78
CA HIS A 30 20.06 1.76 23.78
C HIS A 30 20.37 3.21 23.65
N SER A 31 20.90 3.63 22.51
CA SER A 31 21.23 5.02 22.31
C SER A 31 20.04 5.87 21.81
N TRP A 32 18.95 5.18 21.54
CA TRP A 32 17.70 5.81 21.08
C TRP A 32 16.63 5.26 21.98
N PRO A 33 16.70 5.66 23.22
CA PRO A 33 15.84 5.15 24.29
C PRO A 33 14.35 5.42 24.24
N TRP A 34 13.92 6.30 23.37
CA TRP A 34 12.53 6.61 23.20
C TRP A 34 11.92 5.76 22.10
N GLN A 35 12.75 5.00 21.41
CA GLN A 35 12.24 4.19 20.35
C GLN A 35 11.40 3.06 20.87
N VAL A 36 10.22 2.89 20.32
CA VAL A 36 9.43 1.78 20.74
C VAL A 36 9.03 0.90 19.59
N SER A 37 8.67 -0.32 19.92
CA SER A 37 8.19 -1.25 18.98
C SER A 37 6.72 -1.48 19.29
N LEU A 38 5.92 -1.30 18.27
CA LEU A 38 4.51 -1.46 18.35
C LEU A 38 4.18 -2.80 17.77
N ARG A 39 3.52 -3.58 18.57
CA ARG A 39 3.19 -4.88 18.14
C ARG A 39 1.77 -5.23 18.31
N THR A 40 1.40 -6.22 17.53
CA THR A 40 0.07 -6.77 17.58
C THR A 40 -0.01 -7.61 18.83
N GLY A 43 2.33 -10.45 19.21
CA GLY A 43 3.78 -10.30 19.26
C GLY A 43 4.66 -9.98 18.06
N MET A 44 4.09 -9.71 16.90
CA MET A 44 4.86 -9.37 15.74
C MET A 44 5.09 -7.84 15.64
N HIS A 45 6.32 -7.44 15.38
CA HIS A 45 6.61 -6.03 15.22
C HIS A 45 6.05 -5.61 13.89
N PHE A 46 5.34 -4.50 13.86
CA PHE A 46 4.87 -4.01 12.61
C PHE A 46 5.08 -2.48 12.42
N CYS A 47 5.31 -1.79 13.51
CA CYS A 47 5.48 -0.37 13.43
C CYS A 47 6.34 0.14 14.54
N GLY A 48 6.78 1.38 14.39
CA GLY A 48 7.54 2.04 15.38
C GLY A 48 6.70 3.05 16.12
N GLY A 49 7.29 3.65 17.13
CA GLY A 49 6.65 4.68 17.90
C GLY A 49 7.68 5.40 18.71
N THR A 50 7.30 6.52 19.31
CA THR A 50 8.19 7.30 20.12
C THR A 50 7.58 7.58 21.50
N LEU A 51 8.31 7.28 22.55
CA LEU A 51 7.83 7.58 23.88
C LEU A 51 8.01 9.07 24.05
N ILE A 52 6.93 9.78 24.35
CA ILE A 52 7.00 11.22 24.55
C ILE A 52 6.76 11.64 25.99
N SER A 53 6.32 10.69 26.77
CA SER A 53 6.14 10.83 28.18
C SER A 53 5.98 9.43 28.71
N PRO A 54 6.06 9.25 30.01
CA PRO A 54 6.02 7.90 30.55
C PRO A 54 4.83 7.17 30.14
N GLU A 55 3.69 7.80 29.99
CA GLU A 55 2.55 7.04 29.57
C GLU A 55 2.01 7.34 28.18
N TRP A 56 2.77 8.07 27.40
CA TRP A 56 2.32 8.44 26.06
C TRP A 56 3.32 8.10 24.95
N VAL A 57 2.82 7.50 23.90
CA VAL A 57 3.61 7.13 22.73
C VAL A 57 2.95 7.76 21.52
N LEU A 58 3.79 8.33 20.67
CA LEU A 58 3.35 8.96 19.44
C LEU A 58 3.72 8.02 18.30
N THR A 59 2.79 7.78 17.42
CA THR A 59 3.00 6.89 16.30
C THR A 59 2.22 7.40 15.11
N ALA A 60 2.18 6.63 14.05
CA ALA A 60 1.44 7.00 12.86
C ALA A 60 0.04 6.41 12.90
N ALA A 61 -0.94 7.14 12.43
CA ALA A 61 -2.32 6.66 12.48
C ALA A 61 -2.50 5.41 11.63
N HIS A 62 -1.78 5.33 10.50
CA HIS A 62 -1.96 4.19 9.56
C HIS A 62 -1.50 2.89 10.22
N CYS A 63 -0.60 2.97 11.20
CA CYS A 63 -0.17 1.78 11.96
C CYS A 63 -1.35 1.18 12.75
N LEU A 64 -2.40 1.97 12.96
CA LEU A 64 -3.53 1.50 13.71
C LEU A 64 -4.73 1.22 12.83
N GLU A 65 -4.59 1.28 11.52
CA GLU A 65 -5.74 1.11 10.66
C GLU A 65 -6.44 -0.23 10.82
N LYS A 66 -5.71 -1.27 11.13
CA LYS A 66 -6.28 -2.58 11.27
C LYS A 66 -7.22 -2.79 12.46
N SER A 67 -6.94 -2.12 13.56
CA SER A 67 -7.80 -2.24 14.70
C SER A 67 -7.94 -0.98 15.51
N PRO A 68 -9.17 -0.61 15.81
CA PRO A 68 -9.46 0.57 16.61
C PRO A 68 -9.50 0.23 18.06
N ARG A 69 -9.19 -1.01 18.38
CA ARG A 69 -9.23 -1.41 19.75
C ARG A 69 -7.86 -1.38 20.37
N PRO A 70 -7.75 -0.70 21.48
CA PRO A 70 -6.48 -0.54 22.15
C PRO A 70 -5.87 -1.86 22.51
N SER A 71 -6.72 -2.83 22.78
CA SER A 71 -6.24 -4.15 23.14
C SER A 71 -5.48 -4.88 22.06
N SER A 72 -5.63 -4.45 20.82
CA SER A 72 -4.93 -5.11 19.76
C SER A 72 -3.44 -4.83 19.85
N TYR A 73 -3.05 -3.91 20.73
CA TYR A 73 -1.65 -3.43 20.68
C TYR A 73 -0.84 -3.54 21.98
N LYS A 74 0.46 -3.73 21.82
CA LYS A 74 1.37 -3.73 22.98
C LYS A 74 2.62 -2.97 22.56
N VAL A 75 3.26 -2.29 23.50
CA VAL A 75 4.44 -1.46 23.18
C VAL A 75 5.68 -2.08 23.83
N ILE A 76 6.75 -2.23 23.05
CA ILE A 76 8.02 -2.75 23.62
C ILE A 76 9.01 -1.59 23.74
N LEU A 77 9.46 -1.34 24.97
CA LEU A 77 10.38 -0.28 25.24
C LEU A 77 11.73 -0.75 25.72
N GLY A 78 12.78 -0.06 25.34
CA GLY A 78 14.12 -0.43 25.77
C GLY A 78 14.83 -1.53 25.02
N ALA A 79 14.34 -1.88 23.85
CA ALA A 79 14.89 -2.92 23.08
C ALA A 79 15.92 -2.49 22.10
N HIS A 80 16.72 -3.47 21.69
CA HIS A 80 17.69 -3.34 20.64
C HIS A 80 17.42 -4.48 19.66
N GLN A 81 17.36 -5.69 20.20
CA GLN A 81 16.99 -6.85 19.36
C GLN A 81 15.47 -6.76 19.15
N GLU A 82 14.97 -7.21 18.00
CA GLU A 82 13.53 -7.22 17.71
C GLU A 82 12.90 -8.51 18.23
N VAL A 83 13.47 -9.66 17.87
CA VAL A 83 12.88 -10.97 18.26
C VAL A 83 13.27 -11.33 19.68
N ASN A 84 14.53 -11.75 19.90
CA ASN A 84 14.91 -12.20 21.26
C ASN A 84 14.99 -10.96 22.13
N LEU A 85 13.87 -10.59 22.73
CA LEU A 85 13.81 -9.33 23.48
C LEU A 85 14.67 -9.44 24.72
N GLU A 86 15.69 -8.59 24.81
CA GLU A 86 16.63 -8.68 25.97
C GLU A 86 15.85 -8.53 27.28
N PRO A 87 16.33 -9.12 28.39
CA PRO A 87 15.59 -9.12 29.67
C PRO A 87 14.89 -7.86 30.16
N HIS A 88 15.66 -6.81 30.41
CA HIS A 88 15.08 -5.57 31.02
C HIS A 88 14.13 -4.85 30.06
N VAL A 89 13.70 -5.47 28.96
CA VAL A 89 12.74 -4.78 28.11
C VAL A 89 11.40 -4.65 28.83
N GLN A 90 10.69 -3.55 28.59
CA GLN A 90 9.38 -3.29 29.15
C GLN A 90 8.33 -3.55 28.10
N GLU A 91 7.30 -4.29 28.44
CA GLU A 91 6.26 -4.59 27.51
C GLU A 91 5.00 -4.08 28.17
N ILE A 92 4.37 -3.06 27.60
CA ILE A 92 3.22 -2.44 28.21
C ILE A 92 2.02 -2.42 27.29
N GLU A 93 0.84 -2.71 27.81
CA GLU A 93 -0.32 -2.72 26.97
C GLU A 93 -0.79 -1.29 26.76
N VAL A 94 -1.72 -1.13 25.86
CA VAL A 94 -2.28 0.15 25.52
C VAL A 94 -3.72 0.30 26.02
N SER A 95 -4.01 1.38 26.72
CA SER A 95 -5.37 1.59 27.18
C SER A 95 -6.25 2.43 26.28
N ARG A 96 -5.65 3.32 25.50
CA ARG A 96 -6.44 4.13 24.63
C ARG A 96 -5.67 4.60 23.41
N LEU A 97 -6.39 4.76 22.32
CA LEU A 97 -5.90 5.22 21.04
C LEU A 97 -6.51 6.55 20.67
N PHE A 98 -5.67 7.48 20.24
CA PHE A 98 -6.15 8.76 19.80
C PHE A 98 -5.64 9.06 18.40
N LEU A 99 -6.52 8.99 17.44
CA LEU A 99 -6.18 9.37 16.08
C LEU A 99 -6.27 10.88 15.92
N GLU A 100 -5.35 11.48 15.18
CA GLU A 100 -5.36 12.89 14.96
C GLU A 100 -6.69 13.18 14.27
N PRO A 101 -7.36 14.23 14.75
CA PRO A 101 -8.71 14.56 14.33
C PRO A 101 -8.95 15.12 12.96
N THR A 102 -7.90 15.45 12.25
CA THR A 102 -8.04 15.99 10.91
C THR A 102 -7.52 15.03 9.87
N ARG A 103 -7.56 13.75 10.21
CA ARG A 103 -7.20 12.62 9.38
C ARG A 103 -5.67 12.75 9.01
N LYS A 104 -4.73 13.40 9.73
N LYS A 104 -4.73 13.40 9.73
CA LYS A 104 -3.34 13.35 9.48
CA LYS A 104 -3.34 13.35 9.48
C LYS A 104 -2.79 12.13 10.12
C LYS A 104 -2.79 12.13 10.12
N ASP A 105 -1.64 11.71 9.59
CA ASP A 105 -1.09 10.38 9.85
C ASP A 105 -0.28 10.29 11.15
N ILE A 106 -0.93 10.64 12.22
CA ILE A 106 -0.31 10.67 13.49
C ILE A 106 -1.35 10.29 14.54
N ALA A 107 -0.88 9.69 15.61
CA ALA A 107 -1.75 9.20 16.66
C ALA A 107 -1.03 9.06 17.95
N LEU A 108 -1.82 9.10 19.03
CA LEU A 108 -1.30 8.90 20.36
C LEU A 108 -1.80 7.61 20.97
N LEU A 109 -0.92 6.93 21.65
CA LEU A 109 -1.26 5.73 22.37
C LEU A 109 -1.06 6.03 23.85
N LYS A 110 -2.06 5.75 24.64
CA LYS A 110 -1.91 5.94 26.07
C LYS A 110 -1.63 4.57 26.65
N LEU A 111 -0.51 4.42 27.32
CA LEU A 111 -0.13 3.14 27.89
C LEU A 111 -0.92 2.83 29.16
N SER A 112 -1.13 1.55 29.37
CA SER A 112 -1.87 1.07 30.53
C SER A 112 -1.21 1.47 31.83
N SER A 113 0.10 1.51 31.83
CA SER A 113 0.82 1.94 32.95
C SER A 113 2.00 2.76 32.48
N PRO A 114 2.50 3.65 33.31
CA PRO A 114 3.65 4.42 32.89
C PRO A 114 4.93 3.63 32.77
N ALA A 115 5.68 3.86 31.71
CA ALA A 115 6.92 3.20 31.51
C ALA A 115 7.86 3.64 32.59
N VAL A 116 8.76 2.76 32.97
CA VAL A 116 9.70 3.14 33.95
C VAL A 116 10.89 3.75 33.26
N ILE A 117 11.27 4.93 33.67
CA ILE A 117 12.43 5.56 33.09
C ILE A 117 13.71 4.97 33.64
N THR A 118 14.55 4.56 32.73
CA THR A 118 15.83 3.98 33.01
C THR A 118 16.87 4.53 32.06
N ASP A 119 18.01 3.90 32.06
CA ASP A 119 19.05 4.33 31.21
C ASP A 119 18.73 3.96 29.79
N LYS A 120 17.83 3.03 29.62
CA LYS A 120 17.47 2.55 28.32
C LYS A 120 16.09 2.91 27.84
N VAL A 121 15.30 3.53 28.69
CA VAL A 121 13.97 3.96 28.35
C VAL A 121 13.82 5.39 28.82
N ILE A 122 13.81 6.32 27.87
CA ILE A 122 13.73 7.73 28.13
C ILE A 122 12.90 8.44 27.03
N PRO A 123 12.03 9.36 27.39
CA PRO A 123 11.25 10.02 26.34
C PRO A 123 12.01 11.06 25.56
N ALA A 124 11.60 11.24 24.31
CA ALA A 124 12.13 12.26 23.44
C ALA A 124 11.42 13.55 23.77
N CYS A 125 12.03 14.66 23.43
CA CYS A 125 11.41 15.92 23.66
C CYS A 125 10.54 16.32 22.49
N LEU A 126 9.60 17.19 22.79
CA LEU A 126 8.73 17.71 21.80
C LEU A 126 9.19 19.10 21.41
N PRO A 127 8.93 19.46 20.16
CA PRO A 127 9.27 20.78 19.66
C PRO A 127 8.28 21.81 20.08
N SER A 128 8.63 23.06 19.81
CA SER A 128 7.73 24.16 20.05
C SER A 128 6.78 24.18 18.88
N PRO A 129 5.57 24.66 19.10
CA PRO A 129 4.61 24.70 18.00
C PRO A 129 5.05 25.54 16.85
N ASN A 130 4.79 24.99 15.69
CA ASN A 130 5.06 25.61 14.44
C ASN A 130 6.48 25.78 13.99
N TYR A 131 7.40 25.21 14.72
CA TYR A 131 8.79 25.21 14.32
C TYR A 131 8.94 24.46 12.98
N VAL A 132 9.84 24.96 12.17
CA VAL A 132 10.09 24.35 10.89
C VAL A 132 11.55 23.92 10.76
N VAL A 133 11.81 22.63 10.74
CA VAL A 133 13.18 22.21 10.66
C VAL A 133 13.79 22.75 9.38
N ALA A 134 14.94 23.37 9.53
CA ALA A 134 15.58 23.97 8.40
C ALA A 134 16.12 23.03 7.31
N ASP A 135 16.15 23.53 6.11
CA ASP A 135 16.61 22.78 4.98
C ASP A 135 18.01 22.34 5.30
N ARG A 136 18.30 21.11 5.00
CA ARG A 136 19.59 20.49 5.20
C ARG A 136 19.95 20.06 6.60
N THR A 137 19.08 20.27 7.57
CA THR A 137 19.39 19.85 8.90
C THR A 137 19.52 18.36 8.93
N GLU A 138 20.56 17.84 9.55
CA GLU A 138 20.77 16.43 9.59
C GLU A 138 20.11 15.86 10.81
N CYS A 139 19.14 15.01 10.59
CA CYS A 139 18.42 14.41 11.65
C CYS A 139 18.56 12.90 11.57
N PHE A 140 18.04 12.21 12.54
CA PHE A 140 18.13 10.77 12.56
C PHE A 140 16.78 10.07 12.57
N ILE A 141 16.68 8.97 11.84
CA ILE A 141 15.52 8.13 11.85
C ILE A 141 15.96 6.77 12.36
N THR A 142 15.13 6.09 13.10
CA THR A 142 15.47 4.80 13.62
C THR A 142 14.32 3.86 13.47
N GLY A 143 14.62 2.57 13.46
CA GLY A 143 13.61 1.56 13.39
C GLY A 143 14.18 0.17 13.12
N TRP A 144 13.26 -0.78 13.11
CA TRP A 144 13.48 -2.18 12.86
C TRP A 144 12.85 -2.65 11.58
N GLY A 145 12.61 -1.74 10.65
CA GLY A 145 11.90 -2.16 9.44
C GLY A 145 12.78 -2.73 8.34
N GLU A 146 12.21 -2.86 7.15
CA GLU A 146 12.91 -3.46 5.99
C GLU A 146 14.28 -2.82 5.75
N THR A 147 15.23 -3.65 5.31
CA THR A 147 16.61 -3.19 5.04
C THR A 147 16.91 -3.27 3.55
N GLN A 148 15.99 -3.84 2.76
CA GLN A 148 16.17 -3.98 1.28
C GLN A 148 17.61 -4.38 0.94
N GLY A 149 18.08 -5.53 1.43
CA GLY A 149 19.39 -6.05 1.11
C GLY A 149 20.56 -5.35 1.80
N THR A 150 20.21 -4.40 2.64
CA THR A 150 21.23 -3.77 3.48
C THR A 150 21.29 -4.64 4.69
N PHE A 151 22.34 -4.49 5.46
CA PHE A 151 22.50 -5.41 6.60
C PHE A 151 21.75 -4.86 7.80
N GLY A 152 21.69 -5.61 8.89
CA GLY A 152 21.09 -5.06 10.13
C GLY A 152 19.74 -5.66 10.48
N ALA A 153 19.19 -6.55 9.67
CA ALA A 153 17.88 -7.02 10.00
C ALA A 153 17.85 -7.65 11.39
N GLY A 154 16.79 -7.36 12.12
CA GLY A 154 16.56 -7.84 13.47
C GLY A 154 17.12 -6.97 14.57
N LEU A 155 17.94 -5.97 14.25
CA LEU A 155 18.52 -5.08 15.24
C LEU A 155 18.12 -3.63 14.92
N LEU A 156 18.06 -2.80 15.95
CA LEU A 156 17.67 -1.41 15.71
C LEU A 156 18.68 -0.68 14.89
N LYS A 157 18.20 -0.07 13.82
CA LYS A 157 19.02 0.68 12.92
C LYS A 157 18.69 2.14 12.95
N GLU A 158 19.61 2.91 12.40
CA GLU A 158 19.51 4.33 12.32
C GLU A 158 20.03 4.80 10.97
N ALA A 159 19.64 5.99 10.60
CA ALA A 159 20.14 6.64 9.44
C ALA A 159 20.09 8.14 9.71
N GLN A 160 21.09 8.86 9.25
CA GLN A 160 21.17 10.27 9.42
C GLN A 160 20.81 10.82 8.09
N LEU A 161 19.77 11.63 8.04
CA LEU A 161 19.27 12.18 6.83
C LEU A 161 19.06 13.63 6.90
N PRO A 162 19.22 14.29 5.78
CA PRO A 162 19.04 15.72 5.72
C PRO A 162 17.60 16.06 5.38
N VAL A 163 17.08 17.05 6.07
CA VAL A 163 15.80 17.54 5.78
C VAL A 163 15.85 18.30 4.46
N ILE A 164 14.77 18.19 3.70
CA ILE A 164 14.62 18.86 2.45
C ILE A 164 13.41 19.75 2.60
N GLU A 165 13.59 21.04 2.45
CA GLU A 165 12.51 21.94 2.64
C GLU A 165 11.37 21.62 1.74
N ASN A 166 10.16 21.81 2.23
CA ASN A 166 8.97 21.42 1.51
C ASN A 166 8.85 22.03 0.12
N LYS A 167 9.26 23.28 -0.01
CA LYS A 167 9.14 23.93 -1.29
C LYS A 167 9.98 23.18 -2.32
N VAL A 168 11.13 22.69 -1.92
CA VAL A 168 11.98 21.90 -2.80
C VAL A 168 11.43 20.48 -2.99
N CYS A 169 11.02 19.91 -1.88
CA CYS A 169 10.48 18.57 -1.87
C CYS A 169 9.27 18.43 -2.77
N ASN A 170 8.49 19.49 -2.87
CA ASN A 170 7.29 19.48 -3.68
C ASN A 170 7.49 19.71 -5.17
N ARG A 171 8.71 19.95 -5.58
CA ARG A 171 8.96 20.14 -6.98
C ARG A 171 8.75 18.85 -7.77
N TYR A 172 8.57 19.01 -9.07
CA TYR A 172 8.32 17.90 -9.96
C TYR A 172 9.42 16.88 -9.89
N GLU A 173 10.64 17.37 -9.75
CA GLU A 173 11.79 16.49 -9.69
C GLU A 173 11.78 15.54 -8.49
N PHE A 174 11.06 15.92 -7.44
CA PHE A 174 11.02 15.12 -6.27
C PHE A 174 9.63 14.55 -6.03
N LEU A 175 8.90 15.12 -5.09
CA LEU A 175 7.57 14.61 -4.78
C LEU A 175 6.37 15.25 -5.45
N ASN A 176 6.59 16.21 -6.31
CA ASN A 176 5.56 16.75 -7.14
C ASN A 176 4.22 17.14 -6.54
N GLY A 177 4.27 17.99 -5.54
CA GLY A 177 3.10 18.54 -4.89
C GLY A 177 2.37 17.71 -3.88
N ARG A 178 2.89 16.56 -3.60
CA ARG A 178 2.29 15.66 -2.67
C ARG A 178 2.41 16.00 -1.18
N VAL A 179 3.35 16.85 -0.84
CA VAL A 179 3.63 17.14 0.55
C VAL A 179 2.92 18.34 1.13
N GLN A 180 2.29 18.11 2.27
CA GLN A 180 1.56 19.11 3.03
C GLN A 180 2.45 19.86 3.99
N SER A 181 2.00 21.02 4.40
CA SER A 181 2.78 21.84 5.32
C SER A 181 2.89 21.15 6.66
N THR A 182 2.01 20.22 6.89
CA THR A 182 1.97 19.46 8.12
C THR A 182 2.85 18.23 8.05
N GLU A 183 3.65 18.18 7.02
CA GLU A 183 4.60 17.12 6.79
C GLU A 183 5.96 17.77 6.49
N LEU A 184 7.00 17.00 6.62
CA LEU A 184 8.33 17.40 6.27
C LEU A 184 8.98 16.27 5.46
N CYS A 185 10.01 16.60 4.72
CA CYS A 185 10.72 15.62 3.93
C CYS A 185 12.15 15.48 4.38
N ALA A 186 12.66 14.28 4.28
CA ALA A 186 14.03 14.05 4.62
C ALA A 186 14.58 12.87 3.84
N GLY A 187 15.82 12.98 3.43
CA GLY A 187 16.43 11.86 2.76
C GLY A 187 17.62 12.21 1.92
N HIS A 188 18.35 11.21 1.49
CA HIS A 188 19.49 11.39 0.65
C HIS A 188 18.94 11.16 -0.74
N LEU A 189 19.01 12.19 -1.55
CA LEU A 189 18.49 12.17 -2.90
C LEU A 189 19.14 11.18 -3.85
N ALA A 190 20.36 10.79 -3.56
CA ALA A 190 21.00 9.83 -4.38
C ALA A 190 20.46 8.46 -4.15
N GLY A 191 19.75 8.29 -3.05
CA GLY A 191 19.21 7.03 -2.70
C GLY A 191 20.12 6.13 -1.89
N GLY A 192 19.61 4.99 -1.52
CA GLY A 192 20.31 3.98 -0.76
C GLY A 192 20.19 3.95 0.74
N THR A 193 19.72 5.02 1.34
CA THR A 193 19.53 5.09 2.78
C THR A 193 18.18 5.69 3.09
N ASP A 194 17.35 4.98 3.81
CA ASP A 194 16.05 5.53 4.11
C ASP A 194 15.33 4.72 5.14
N SER A 195 14.30 5.30 5.73
CA SER A 195 13.38 4.57 6.56
C SER A 195 12.51 3.77 5.57
N CYS A 196 11.85 2.75 6.03
CA CYS A 196 11.04 1.94 5.15
C CYS A 196 9.90 1.31 5.89
N GLN A 197 9.17 0.45 5.33
CA GLN A 197 8.05 -0.28 5.89
C GLN A 197 8.59 -0.99 7.08
N GLY A 198 7.90 -0.88 8.12
CA GLY A 198 8.27 -1.40 9.41
C GLY A 198 8.84 -0.33 10.32
N ASP A 199 9.24 0.79 9.73
CA ASP A 199 9.75 1.91 10.49
C ASP A 199 8.64 2.98 10.69
N ALA A 200 7.52 2.82 10.01
CA ALA A 200 6.43 3.77 10.09
C ALA A 200 6.02 3.99 11.51
N GLY A 201 5.69 5.22 11.83
CA GLY A 201 5.28 5.55 13.16
C GLY A 201 6.44 5.89 14.08
N GLY A 202 7.62 5.59 13.59
CA GLY A 202 8.81 5.83 14.31
C GLY A 202 9.25 7.26 14.25
N PRO A 203 10.27 7.54 15.04
CA PRO A 203 10.81 8.88 15.16
C PRO A 203 11.79 9.38 14.11
N LEU A 204 11.73 10.67 13.88
CA LEU A 204 12.71 11.43 13.15
C LEU A 204 13.06 12.47 14.21
N VAL A 205 14.29 12.41 14.69
CA VAL A 205 14.74 13.31 15.74
C VAL A 205 15.91 14.18 15.32
N CYS A 206 15.98 15.37 15.88
CA CYS A 206 17.05 16.27 15.55
C CYS A 206 17.73 16.76 16.82
N PHE A 207 19.04 16.88 16.74
CA PHE A 207 19.80 17.34 17.89
C PHE A 207 19.74 18.83 17.99
N GLU A 208 19.24 19.36 19.09
CA GLU A 208 19.11 20.77 19.31
C GLU A 208 19.76 21.16 20.66
N LYS A 209 20.92 21.79 20.55
CA LYS A 209 21.73 22.29 21.64
C LYS A 209 22.37 21.17 22.41
N ASP A 210 21.57 20.40 23.09
CA ASP A 210 22.09 19.34 23.87
C ASP A 210 21.23 18.12 24.00
N LYS A 211 20.19 18.02 23.19
CA LYS A 211 19.33 16.88 23.32
C LYS A 211 18.57 16.68 22.01
N TYR A 212 17.84 15.58 21.97
CA TYR A 212 17.08 15.21 20.79
C TYR A 212 15.60 15.55 20.89
N ILE A 213 15.13 16.25 19.86
CA ILE A 213 13.77 16.66 19.73
C ILE A 213 13.07 15.85 18.62
N LEU A 214 11.88 15.38 18.91
CA LEU A 214 11.12 14.62 17.92
C LEU A 214 10.46 15.60 16.95
N GLN A 215 10.95 15.62 15.72
CA GLN A 215 10.42 16.52 14.75
C GLN A 215 9.54 15.85 13.71
N GLY A 216 9.69 14.57 13.56
CA GLY A 216 8.88 13.90 12.58
C GLY A 216 8.45 12.53 13.00
N VAL A 217 7.37 12.06 12.40
CA VAL A 217 6.87 10.72 12.60
C VAL A 217 6.94 10.07 11.21
N THR A 218 7.64 8.95 11.10
CA THR A 218 7.77 8.31 9.81
C THR A 218 6.40 7.93 9.25
N SER A 219 6.11 8.40 8.05
CA SER A 219 4.81 8.19 7.48
C SER A 219 4.70 7.41 6.18
N TRP A 220 5.23 8.00 5.12
CA TRP A 220 5.13 7.42 3.81
C TRP A 220 6.26 7.87 2.89
N GLY A 221 6.29 7.30 1.72
CA GLY A 221 7.24 7.66 0.71
C GLY A 221 6.90 7.01 -0.61
N LEU A 222 7.54 7.46 -1.68
CA LEU A 222 7.39 6.83 -2.98
C LEU A 222 8.53 5.82 -2.94
N GLY A 223 8.21 4.66 -2.45
CA GLY A 223 9.19 3.64 -2.24
C GLY A 223 10.08 3.98 -1.08
N CYS A 224 11.19 3.29 -0.99
CA CYS A 224 12.21 3.52 0.01
C CYS A 224 13.57 3.65 -0.63
N ALA A 225 14.31 4.66 -0.24
CA ALA A 225 15.68 4.86 -0.66
C ALA A 225 15.90 5.00 -2.11
N ARG A 226 14.89 5.45 -2.80
CA ARG A 226 14.98 5.65 -4.22
C ARG A 226 15.50 7.04 -4.45
N PRO A 227 16.20 7.20 -5.55
CA PRO A 227 16.72 8.50 -5.87
C PRO A 227 15.61 9.49 -6.08
N ASN A 228 15.83 10.69 -5.59
CA ASN A 228 14.93 11.78 -5.75
C ASN A 228 13.59 11.59 -5.09
N LYS A 229 13.54 10.66 -4.17
CA LYS A 229 12.32 10.34 -3.46
C LYS A 229 12.55 10.25 -1.99
N PRO A 230 12.64 11.41 -1.37
CA PRO A 230 12.86 11.47 0.07
C PRO A 230 11.63 11.06 0.83
N GLY A 231 11.81 10.55 2.01
CA GLY A 231 10.72 10.15 2.84
C GLY A 231 9.94 11.31 3.39
N VAL A 232 8.66 11.04 3.69
CA VAL A 232 7.77 12.00 4.22
C VAL A 232 7.38 11.64 5.63
N TYR A 233 7.43 12.64 6.49
CA TYR A 233 7.18 12.50 7.90
C TYR A 233 6.16 13.50 8.35
N VAL A 234 5.36 13.12 9.34
CA VAL A 234 4.42 14.08 9.85
C VAL A 234 5.25 15.08 10.66
N ARG A 235 4.97 16.34 10.47
CA ARG A 235 5.68 17.42 11.13
C ARG A 235 5.07 17.64 12.51
N VAL A 236 5.75 17.11 13.49
CA VAL A 236 5.29 17.07 14.83
C VAL A 236 4.96 18.44 15.43
N SER A 237 5.71 19.42 15.03
CA SER A 237 5.51 20.76 15.55
C SER A 237 4.13 21.29 15.23
N ARG A 238 3.49 20.74 14.23
CA ARG A 238 2.18 21.21 13.86
C ARG A 238 1.12 20.48 14.63
N PHE A 239 1.52 19.56 15.47
CA PHE A 239 0.56 18.82 16.28
C PHE A 239 0.82 18.88 17.77
N VAL A 240 1.80 19.66 18.20
CA VAL A 240 2.12 19.72 19.59
C VAL A 240 0.99 20.21 20.44
N THR A 241 0.28 21.22 19.99
CA THR A 241 -0.80 21.74 20.80
C THR A 241 -1.87 20.69 20.99
N TRP A 242 -2.16 19.97 19.93
CA TRP A 242 -3.14 18.93 20.01
C TRP A 242 -2.68 17.84 20.93
N ILE A 243 -1.44 17.45 20.80
CA ILE A 243 -0.91 16.40 21.63
C ILE A 243 -0.98 16.79 23.10
N GLU A 244 -0.64 18.02 23.38
CA GLU A 244 -0.67 18.49 24.75
C GLU A 244 -2.08 18.49 25.31
N GLY A 245 -3.01 18.87 24.50
CA GLY A 245 -4.38 18.85 24.92
C GLY A 245 -4.86 17.45 25.24
N VAL A 246 -4.49 16.50 24.41
CA VAL A 246 -4.92 15.14 24.65
C VAL A 246 -4.34 14.63 25.96
N MET A 247 -3.07 14.90 26.16
CA MET A 247 -2.42 14.45 27.36
C MET A 247 -3.05 15.07 28.59
N ARG A 248 -3.33 16.34 28.52
CA ARG A 248 -3.90 17.04 29.66
C ARG A 248 -5.30 16.60 30.03
N ASN A 249 -6.09 16.31 29.02
CA ASN A 249 -7.46 15.97 29.23
C ASN A 249 -7.77 14.51 29.32
N ASN A 250 -6.75 13.69 29.33
CA ASN A 250 -6.91 12.25 29.35
C ASN A 250 -5.91 11.56 30.22
N ALA B 1 1.96 -32.32 -25.01
CA ALA B 1 1.32 -33.43 -24.37
C ALA B 1 1.42 -33.47 -22.85
N ALA B 2 2.37 -32.78 -22.28
CA ALA B 2 2.48 -32.76 -20.87
C ALA B 2 1.32 -31.98 -20.29
N PRO B 3 1.04 -32.26 -19.04
CA PRO B 3 -0.11 -31.63 -18.42
C PRO B 3 0.09 -30.15 -18.24
N SER B 4 -0.92 -29.35 -18.53
CA SER B 4 -0.81 -27.92 -18.37
C SER B 4 -1.67 -27.45 -17.22
N PHE B 5 -1.76 -26.14 -17.05
CA PHE B 5 -2.48 -25.56 -15.91
C PHE B 5 -4.01 -25.54 -16.08
N ASP B 6 -4.70 -25.75 -14.97
CA ASP B 6 -6.14 -25.64 -14.88
C ASP B 6 -6.41 -24.14 -14.68
N CYS B 7 -7.35 -23.60 -15.38
CA CYS B 7 -7.67 -22.20 -15.24
C CYS B 7 -9.07 -21.97 -14.67
N GLY B 8 -9.24 -20.84 -14.02
CA GLY B 8 -10.54 -20.41 -13.54
C GLY B 8 -11.23 -21.09 -12.37
N LYS B 9 -10.51 -21.99 -11.74
CA LYS B 9 -10.98 -22.74 -10.61
C LYS B 9 -10.10 -22.49 -9.40
N PRO B 10 -10.56 -21.61 -8.52
CA PRO B 10 -9.77 -21.26 -7.36
C PRO B 10 -9.76 -22.37 -6.36
N GLN B 11 -8.61 -22.63 -5.83
CA GLN B 11 -8.47 -23.65 -4.84
C GLN B 11 -9.10 -23.19 -3.54
N VAL B 12 -9.13 -21.89 -3.31
CA VAL B 12 -9.80 -21.33 -2.17
C VAL B 12 -11.09 -20.75 -2.73
N GLU B 13 -12.20 -21.26 -2.27
CA GLU B 13 -13.49 -20.89 -2.77
C GLU B 13 -13.88 -19.49 -2.39
N PRO B 14 -14.31 -18.73 -3.41
CA PRO B 14 -14.77 -17.39 -3.13
C PRO B 14 -16.03 -17.34 -2.34
N LYS B 15 -16.22 -16.22 -1.67
CA LYS B 15 -17.39 -15.96 -0.87
C LYS B 15 -18.04 -14.70 -1.41
N LYS B 16 -19.34 -14.67 -1.33
CA LYS B 16 -20.09 -13.52 -1.71
C LYS B 16 -20.05 -12.53 -0.56
N CYS B 17 -20.48 -11.32 -0.82
CA CYS B 17 -20.48 -10.32 0.19
C CYS B 17 -21.58 -10.60 1.20
N PRO B 18 -21.50 -9.90 2.37
CA PRO B 18 -22.48 -10.12 3.43
C PRO B 18 -23.93 -9.88 2.98
N GLY B 19 -24.80 -10.83 3.27
CA GLY B 19 -26.22 -10.67 2.96
C GLY B 19 -26.57 -11.10 1.56
N ARG B 20 -25.58 -11.62 0.82
CA ARG B 20 -25.80 -12.10 -0.57
C ARG B 20 -25.71 -13.63 -0.58
N VAL B 21 -12.15 -0.74 -4.85
CA VAL B 21 -13.57 -1.12 -4.97
C VAL B 21 -14.35 -0.27 -3.97
N VAL B 22 -15.36 0.44 -4.46
CA VAL B 22 -16.24 1.24 -3.58
C VAL B 22 -17.41 0.32 -3.22
N GLY B 23 -17.76 0.25 -1.95
CA GLY B 23 -18.80 -0.63 -1.55
C GLY B 23 -18.27 -2.05 -1.60
N GLY B 24 -19.11 -3.01 -1.85
CA GLY B 24 -18.67 -4.36 -1.93
C GLY B 24 -18.14 -4.85 -0.60
N CYS B 25 -17.14 -5.69 -0.65
CA CYS B 25 -16.61 -6.24 0.56
C CYS B 25 -15.22 -6.78 0.36
N VAL B 26 -14.57 -7.10 1.47
CA VAL B 26 -13.27 -7.74 1.39
C VAL B 26 -13.44 -9.19 0.94
N ALA B 27 -12.58 -9.62 0.03
CA ALA B 27 -12.64 -10.95 -0.48
C ALA B 27 -12.13 -11.97 0.53
N HIS B 28 -12.51 -13.20 0.33
CA HIS B 28 -12.04 -14.33 1.12
C HIS B 28 -10.61 -14.43 0.57
N PRO B 29 -9.63 -14.40 1.47
CA PRO B 29 -8.25 -14.34 0.98
C PRO B 29 -7.84 -15.44 0.01
N HIS B 30 -7.24 -15.04 -1.09
CA HIS B 30 -6.73 -15.92 -2.09
C HIS B 30 -7.75 -16.63 -2.91
N SER B 31 -8.97 -16.15 -2.81
CA SER B 31 -10.03 -16.71 -3.58
C SER B 31 -10.17 -16.17 -5.02
N TRP B 32 -9.36 -15.18 -5.37
CA TRP B 32 -9.34 -14.64 -6.71
C TRP B 32 -7.86 -14.69 -7.07
N PRO B 33 -7.39 -15.91 -7.29
CA PRO B 33 -5.97 -16.17 -7.44
C PRO B 33 -5.34 -15.67 -8.70
N TRP B 34 -6.15 -15.18 -9.60
CA TRP B 34 -5.65 -14.62 -10.82
C TRP B 34 -5.45 -13.12 -10.70
N GLN B 35 -5.90 -12.53 -9.60
CA GLN B 35 -5.77 -11.13 -9.43
C GLN B 35 -4.33 -10.71 -9.27
N VAL B 36 -3.96 -9.70 -9.99
CA VAL B 36 -2.63 -9.17 -9.96
C VAL B 36 -2.62 -7.74 -9.47
N SER B 37 -1.54 -7.37 -8.81
CA SER B 37 -1.35 -6.01 -8.41
C SER B 37 -0.23 -5.49 -9.31
N LEU B 38 -0.51 -4.42 -10.04
CA LEU B 38 0.48 -3.82 -10.91
C LEU B 38 1.06 -2.63 -10.11
N ARG B 39 2.35 -2.63 -9.96
CA ARG B 39 3.05 -1.63 -9.19
C ARG B 39 4.13 -0.94 -9.97
N THR B 40 4.45 0.23 -9.50
CA THR B 40 5.50 0.99 -10.11
C THR B 40 6.80 0.35 -9.72
N ARG B 41 7.84 0.89 -10.30
CA ARG B 41 9.14 0.40 -10.06
C ARG B 41 9.44 0.52 -8.60
N PHE B 42 8.97 1.57 -7.98
CA PHE B 42 9.23 1.77 -6.59
C PHE B 42 8.29 1.03 -5.64
N GLY B 43 7.40 0.19 -6.16
CA GLY B 43 6.54 -0.64 -5.33
C GLY B 43 5.14 -0.21 -5.00
N MET B 44 4.77 0.85 -5.64
CA MET B 44 3.41 1.36 -5.47
CA MET B 44 3.44 1.38 -5.40
C MET B 44 2.24 0.78 -6.35
N HIS B 45 1.28 0.29 -5.74
CA HIS B 45 0.14 -0.25 -6.45
C HIS B 45 -0.60 0.85 -7.15
N PHE B 46 -0.96 0.64 -8.42
CA PHE B 46 -1.74 1.62 -9.12
C PHE B 46 -2.81 1.05 -10.04
N CYS B 47 -2.71 -0.23 -10.31
CA CYS B 47 -3.66 -0.84 -11.21
C CYS B 47 -3.75 -2.33 -10.91
N GLY B 48 -4.75 -2.95 -11.48
CA GLY B 48 -4.94 -4.37 -11.37
C GLY B 48 -4.50 -5.03 -12.68
N GLY B 49 -4.55 -6.35 -12.69
CA GLY B 49 -4.25 -7.15 -13.86
C GLY B 49 -4.84 -8.53 -13.60
N THR B 50 -4.87 -9.39 -14.63
CA THR B 50 -5.34 -10.77 -14.50
C THR B 50 -4.31 -11.70 -15.10
N LEU B 51 -3.94 -12.71 -14.35
CA LEU B 51 -3.03 -13.69 -14.82
C LEU B 51 -3.85 -14.58 -15.74
N ILE B 52 -3.39 -14.72 -16.99
CA ILE B 52 -4.08 -15.57 -17.92
C ILE B 52 -3.30 -16.81 -18.34
N SER B 53 -2.05 -16.78 -17.96
CA SER B 53 -1.14 -17.86 -18.11
C SER B 53 0.06 -17.54 -17.22
N PRO B 54 0.92 -18.53 -17.00
CA PRO B 54 2.01 -18.31 -16.08
C PRO B 54 2.92 -17.16 -16.43
N GLU B 55 3.08 -16.88 -17.70
CA GLU B 55 3.94 -15.79 -18.13
C GLU B 55 3.22 -14.55 -18.61
N TRP B 56 1.90 -14.57 -18.62
CA TRP B 56 1.13 -13.48 -19.17
C TRP B 56 0.03 -12.87 -18.29
N VAL B 57 0.04 -11.56 -18.25
CA VAL B 57 -0.92 -10.79 -17.52
C VAL B 57 -1.66 -9.81 -18.44
N LEU B 58 -2.96 -9.78 -18.30
CA LEU B 58 -3.81 -8.91 -19.06
C LEU B 58 -4.22 -7.77 -18.17
N THR B 59 -4.07 -6.57 -18.71
CA THR B 59 -4.38 -5.36 -18.00
C THR B 59 -4.95 -4.32 -18.97
N ALA B 60 -5.17 -3.14 -18.47
CA ALA B 60 -5.68 -2.08 -19.28
C ALA B 60 -4.54 -1.28 -19.86
N ALA B 61 -4.68 -0.87 -21.10
CA ALA B 61 -3.63 -0.08 -21.72
C ALA B 61 -3.33 1.25 -21.02
N HIS B 62 -4.36 1.88 -20.50
CA HIS B 62 -4.20 3.16 -19.84
C HIS B 62 -3.30 3.09 -18.63
N CYS B 63 -3.23 1.92 -18.05
CA CYS B 63 -2.41 1.70 -16.91
C CYS B 63 -0.94 1.85 -17.26
N LEU B 64 -0.63 1.69 -18.53
CA LEU B 64 0.75 1.74 -19.00
C LEU B 64 1.12 3.05 -19.70
N GLU B 65 0.22 4.00 -19.66
CA GLU B 65 0.40 5.24 -20.38
C GLU B 65 1.60 6.09 -19.97
N LYS B 66 1.97 6.05 -18.72
CA LYS B 66 3.07 6.85 -18.23
C LYS B 66 4.45 6.41 -18.67
N SER B 67 4.58 5.16 -19.02
CA SER B 67 5.85 4.65 -19.46
C SER B 67 5.76 3.47 -20.39
N PRO B 68 6.51 3.51 -21.47
CA PRO B 68 6.57 2.40 -22.41
C PRO B 68 7.64 1.36 -22.03
N ARG B 69 8.33 1.61 -20.95
CA ARG B 69 9.38 0.73 -20.52
C ARG B 69 8.92 -0.34 -19.56
N PRO B 70 9.20 -1.57 -19.94
CA PRO B 70 8.80 -2.68 -19.10
C PRO B 70 9.41 -2.57 -17.72
N SER B 71 10.59 -2.02 -17.59
CA SER B 71 11.24 -1.90 -16.32
C SER B 71 10.50 -0.97 -15.39
N SER B 72 9.52 -0.26 -15.89
CA SER B 72 8.79 0.64 -15.04
C SER B 72 7.71 -0.02 -14.20
N TYR B 73 7.52 -1.29 -14.43
CA TYR B 73 6.46 -2.02 -13.79
C TYR B 73 6.86 -3.34 -13.17
N LYS B 74 6.13 -3.72 -12.16
CA LYS B 74 6.34 -4.99 -11.59
C LYS B 74 4.99 -5.53 -11.14
N VAL B 75 4.89 -6.84 -11.09
CA VAL B 75 3.68 -7.48 -10.72
C VAL B 75 3.73 -8.28 -9.44
N ILE B 76 2.66 -8.23 -8.65
CA ILE B 76 2.55 -9.00 -7.44
C ILE B 76 1.40 -9.97 -7.62
N LEU B 77 1.72 -11.23 -7.43
CA LEU B 77 0.75 -12.29 -7.55
C LEU B 77 0.58 -13.01 -6.21
N GLY B 78 -0.61 -13.53 -5.96
CA GLY B 78 -0.93 -14.26 -4.77
C GLY B 78 -1.24 -13.44 -3.54
N ALA B 79 -1.45 -12.17 -3.73
CA ALA B 79 -1.66 -11.28 -2.64
C ALA B 79 -3.08 -11.11 -2.19
N HIS B 80 -3.20 -10.75 -0.91
CA HIS B 80 -4.44 -10.37 -0.32
C HIS B 80 -4.28 -8.95 0.25
N GLN B 81 -3.24 -8.81 1.04
CA GLN B 81 -2.90 -7.48 1.53
C GLN B 81 -1.96 -6.88 0.50
N GLU B 82 -2.10 -5.59 0.21
CA GLU B 82 -1.18 -4.89 -0.74
C GLU B 82 -0.07 -4.22 0.07
N VAL B 83 0.92 -4.98 0.52
CA VAL B 83 2.02 -4.45 1.37
C VAL B 83 2.84 -5.65 1.87
N PRO B 87 4.53 -12.20 1.37
CA PRO B 87 5.27 -13.27 2.06
C PRO B 87 5.37 -14.47 1.11
N HIS B 88 4.30 -15.24 1.01
CA HIS B 88 4.23 -16.30 -0.01
C HIS B 88 4.06 -15.58 -1.35
N VAL B 89 3.91 -14.25 -1.31
CA VAL B 89 3.63 -13.46 -2.53
C VAL B 89 4.73 -13.61 -3.58
N GLN B 90 4.33 -13.70 -4.84
CA GLN B 90 5.35 -13.72 -5.92
C GLN B 90 5.46 -12.33 -6.53
N GLU B 91 6.67 -11.80 -6.56
CA GLU B 91 6.92 -10.53 -7.20
C GLU B 91 7.72 -10.86 -8.46
N ILE B 92 7.26 -10.39 -9.59
CA ILE B 92 7.89 -10.66 -10.87
C ILE B 92 8.00 -9.41 -11.67
N GLU B 93 9.14 -9.24 -12.29
CA GLU B 93 9.36 -8.08 -13.11
C GLU B 93 8.64 -8.29 -14.42
N VAL B 94 8.49 -7.19 -15.16
CA VAL B 94 7.83 -7.26 -16.51
C VAL B 94 8.93 -7.17 -17.58
N SER B 95 8.84 -8.02 -18.60
CA SER B 95 9.87 -8.07 -19.66
C SER B 95 9.41 -7.32 -20.90
N ARG B 96 8.11 -7.40 -21.21
CA ARG B 96 7.62 -6.77 -22.46
C ARG B 96 6.18 -6.29 -22.32
N LEU B 97 5.87 -5.18 -22.99
CA LEU B 97 4.50 -4.64 -22.98
C LEU B 97 3.91 -4.79 -24.39
N PHE B 98 2.66 -5.21 -24.47
CA PHE B 98 1.97 -5.33 -25.76
C PHE B 98 0.64 -4.57 -25.66
N LEU B 99 0.61 -3.34 -26.17
CA LEU B 99 -0.63 -2.62 -26.21
C LEU B 99 -1.47 -3.09 -27.36
N GLU B 100 -2.77 -3.18 -27.17
CA GLU B 100 -3.64 -3.61 -28.23
C GLU B 100 -3.47 -2.59 -29.35
N PRO B 101 -3.34 -3.08 -30.57
CA PRO B 101 -3.00 -2.22 -31.71
C PRO B 101 -4.01 -1.26 -32.27
N THR B 102 -5.25 -1.34 -31.85
CA THR B 102 -6.26 -0.41 -32.34
C THR B 102 -6.59 0.65 -31.28
N ARG B 103 -5.71 0.81 -30.32
CA ARG B 103 -5.89 1.77 -29.27
C ARG B 103 -6.99 1.44 -28.26
N LYS B 104 -7.42 0.21 -28.19
CA LYS B 104 -8.38 -0.20 -27.20
C LYS B 104 -7.65 -0.31 -25.83
N ASP B 105 -8.42 -0.19 -24.77
CA ASP B 105 -7.85 -0.13 -23.45
C ASP B 105 -7.52 -1.48 -22.86
N ILE B 106 -6.69 -2.19 -23.57
CA ILE B 106 -6.30 -3.51 -23.11
C ILE B 106 -4.84 -3.77 -23.51
N ALA B 107 -4.11 -4.49 -22.69
CA ALA B 107 -2.73 -4.77 -22.93
C ALA B 107 -2.28 -6.04 -22.28
N LEU B 108 -1.21 -6.57 -22.84
CA LEU B 108 -0.59 -7.75 -22.28
C LEU B 108 0.78 -7.42 -21.73
N LEU B 109 1.07 -8.06 -20.62
CA LEU B 109 2.37 -7.97 -20.00
C LEU B 109 3.01 -9.34 -20.03
N LYS B 110 4.24 -9.41 -20.54
CA LYS B 110 4.98 -10.66 -20.51
C LYS B 110 5.89 -10.56 -19.30
N LEU B 111 5.74 -11.48 -18.37
CA LEU B 111 6.52 -11.49 -17.18
C LEU B 111 7.94 -11.99 -17.42
N SER B 112 8.82 -11.52 -16.57
CA SER B 112 10.24 -11.87 -16.62
C SER B 112 10.50 -13.33 -16.36
N SER B 113 9.57 -13.94 -15.63
CA SER B 113 9.58 -15.34 -15.37
C SER B 113 8.17 -15.83 -15.21
N PRO B 114 7.97 -17.13 -15.44
CA PRO B 114 6.65 -17.67 -15.27
C PRO B 114 6.27 -17.74 -13.80
N ALA B 115 5.06 -17.36 -13.50
CA ALA B 115 4.60 -17.46 -12.18
C ALA B 115 4.52 -18.93 -11.82
N VAL B 116 4.71 -19.23 -10.56
CA VAL B 116 4.57 -20.57 -10.08
C VAL B 116 3.12 -20.74 -9.67
N ILE B 117 2.44 -21.70 -10.26
CA ILE B 117 1.07 -21.93 -9.94
C ILE B 117 1.03 -22.61 -8.57
N THR B 118 0.15 -22.09 -7.74
CA THR B 118 -0.04 -22.57 -6.41
C THR B 118 -1.51 -22.40 -6.07
N ASP B 119 -1.85 -22.75 -4.86
CA ASP B 119 -3.21 -22.62 -4.44
C ASP B 119 -3.62 -21.18 -4.44
N LYS B 120 -2.67 -20.27 -4.34
CA LYS B 120 -2.97 -18.86 -4.31
C LYS B 120 -2.75 -18.10 -5.61
N VAL B 121 -2.17 -18.76 -6.58
CA VAL B 121 -1.83 -18.17 -7.85
C VAL B 121 -2.24 -19.16 -8.94
N ILE B 122 -3.35 -18.80 -9.59
CA ILE B 122 -3.99 -19.58 -10.60
C ILE B 122 -4.50 -18.67 -11.69
N PRO B 123 -4.27 -19.04 -12.96
CA PRO B 123 -4.77 -18.18 -14.02
C PRO B 123 -6.30 -18.26 -14.23
N ALA B 124 -6.87 -17.18 -14.75
CA ALA B 124 -8.25 -17.11 -15.14
C ALA B 124 -8.40 -17.70 -16.52
N CYS B 125 -9.60 -18.13 -16.86
CA CYS B 125 -9.91 -18.67 -18.17
C CYS B 125 -10.34 -17.56 -19.12
N LEU B 126 -10.01 -17.67 -20.38
CA LEU B 126 -10.45 -16.74 -21.35
C LEU B 126 -11.69 -17.28 -22.03
N PRO B 127 -12.52 -16.37 -22.51
CA PRO B 127 -13.75 -16.73 -23.19
C PRO B 127 -13.50 -17.10 -24.62
N SER B 128 -14.49 -17.64 -25.27
CA SER B 128 -14.35 -17.98 -26.65
C SER B 128 -14.47 -16.67 -27.43
N PRO B 129 -13.84 -16.64 -28.59
CA PRO B 129 -13.85 -15.43 -29.37
C PRO B 129 -15.23 -14.92 -29.68
N ASN B 130 -15.43 -13.65 -29.37
CA ASN B 130 -16.60 -12.91 -29.67
C ASN B 130 -17.86 -13.26 -28.90
N TYR B 131 -17.70 -14.07 -27.88
CA TYR B 131 -18.78 -14.41 -27.01
C TYR B 131 -19.36 -13.12 -26.40
N VAL B 132 -20.67 -13.08 -26.27
CA VAL B 132 -21.34 -11.93 -25.68
C VAL B 132 -21.99 -12.26 -24.34
N VAL B 133 -21.45 -11.77 -23.24
CA VAL B 133 -22.04 -12.09 -21.95
C VAL B 133 -23.43 -11.52 -21.88
N ALA B 134 -24.34 -12.33 -21.42
CA ALA B 134 -25.73 -11.95 -21.38
C ALA B 134 -26.12 -10.89 -20.43
N ASP B 135 -27.13 -10.13 -20.80
CA ASP B 135 -27.67 -9.13 -19.94
C ASP B 135 -28.05 -9.81 -18.61
N ARG B 136 -27.73 -9.14 -17.54
CA ARG B 136 -28.04 -9.55 -16.21
C ARG B 136 -27.14 -10.60 -15.63
N THR B 137 -26.17 -11.07 -16.38
CA THR B 137 -25.30 -12.06 -15.84
C THR B 137 -24.59 -11.46 -14.61
N GLU B 138 -24.56 -12.24 -13.55
CA GLU B 138 -23.91 -11.80 -12.35
C GLU B 138 -22.43 -12.17 -12.42
N CYS B 139 -21.60 -11.17 -12.27
CA CYS B 139 -20.18 -11.35 -12.37
C CYS B 139 -19.53 -10.68 -11.19
N PHE B 140 -18.23 -10.87 -11.05
CA PHE B 140 -17.49 -10.23 -10.00
C PHE B 140 -16.34 -9.37 -10.52
N ILE B 141 -16.13 -8.26 -9.85
CA ILE B 141 -14.98 -7.41 -10.10
C ILE B 141 -14.18 -7.40 -8.79
N THR B 142 -12.87 -7.34 -8.91
CA THR B 142 -12.00 -7.32 -7.77
C THR B 142 -10.86 -6.31 -7.91
N GLY B 143 -10.34 -5.86 -6.79
CA GLY B 143 -9.24 -4.94 -6.82
C GLY B 143 -8.94 -4.33 -5.49
N TRP B 144 -7.83 -3.56 -5.48
CA TRP B 144 -7.37 -2.87 -4.26
C TRP B 144 -7.53 -1.36 -4.39
N GLY B 145 -8.37 -0.91 -5.27
CA GLY B 145 -8.40 0.52 -5.51
C GLY B 145 -9.21 1.34 -4.56
N GLU B 146 -9.55 2.54 -5.00
CA GLU B 146 -10.29 3.50 -4.16
C GLU B 146 -11.52 2.84 -3.54
N THR B 147 -11.80 3.18 -2.27
CA THR B 147 -13.00 2.66 -1.57
C THR B 147 -13.86 3.84 -1.10
N ALA B 153 -7.58 -0.89 4.26
CA ALA B 153 -6.56 -1.62 5.04
C ALA B 153 -5.73 -2.38 4.02
N GLY B 154 -5.94 -2.06 2.74
CA GLY B 154 -5.15 -2.67 1.67
C GLY B 154 -5.50 -4.11 1.45
N LEU B 155 -6.76 -4.44 1.67
CA LEU B 155 -7.20 -5.83 1.46
C LEU B 155 -7.97 -5.90 0.15
N LEU B 156 -7.78 -7.00 -0.56
CA LEU B 156 -8.44 -7.17 -1.84
C LEU B 156 -9.93 -7.20 -1.65
N LYS B 157 -10.65 -6.42 -2.42
CA LYS B 157 -12.05 -6.36 -2.35
C LYS B 157 -12.70 -6.91 -3.60
N GLU B 158 -13.98 -7.16 -3.47
CA GLU B 158 -14.79 -7.68 -4.53
C GLU B 158 -16.16 -7.02 -4.54
N ALA B 159 -16.78 -7.07 -5.70
CA ALA B 159 -18.17 -6.66 -5.81
C ALA B 159 -18.86 -7.54 -6.83
N GLN B 160 -20.10 -7.89 -6.57
CA GLN B 160 -20.88 -8.70 -7.49
C GLN B 160 -21.76 -7.71 -8.24
N LEU B 161 -21.60 -7.64 -9.54
CA LEU B 161 -22.33 -6.74 -10.37
C LEU B 161 -22.93 -7.45 -11.56
N PRO B 162 -24.12 -7.00 -11.95
CA PRO B 162 -24.76 -7.56 -13.12
C PRO B 162 -24.36 -6.84 -14.39
N VAL B 163 -24.22 -7.61 -15.43
CA VAL B 163 -23.94 -7.11 -16.73
C VAL B 163 -25.18 -6.39 -17.23
N ILE B 164 -24.97 -5.31 -17.94
CA ILE B 164 -26.02 -4.55 -18.52
C ILE B 164 -25.71 -4.54 -20.00
N GLU B 165 -26.61 -5.08 -20.79
CA GLU B 165 -26.39 -5.18 -22.20
C GLU B 165 -26.11 -3.83 -22.81
N ASN B 166 -25.24 -3.79 -23.81
CA ASN B 166 -24.81 -2.55 -24.34
C ASN B 166 -25.95 -1.66 -24.84
N LYS B 167 -26.95 -2.27 -25.40
CA LYS B 167 -28.05 -1.47 -25.95
C LYS B 167 -28.74 -0.69 -24.86
N VAL B 168 -28.82 -1.28 -23.67
CA VAL B 168 -29.45 -0.62 -22.54
C VAL B 168 -28.46 0.39 -21.94
N CYS B 169 -27.22 -0.05 -21.75
CA CYS B 169 -26.17 0.77 -21.19
C CYS B 169 -25.99 2.04 -21.99
N ASN B 170 -26.24 1.97 -23.28
CA ASN B 170 -26.04 3.13 -24.13
C ASN B 170 -27.22 4.11 -24.15
N ARG B 171 -28.31 3.66 -23.57
CA ARG B 171 -29.44 4.66 -23.40
CA ARG B 171 -29.54 4.53 -23.56
C ARG B 171 -29.29 6.01 -22.91
N TYR B 172 -29.83 7.01 -23.03
CA TYR B 172 -29.60 8.29 -22.45
C TYR B 172 -29.46 8.29 -20.91
N GLU B 173 -30.33 7.58 -20.26
CA GLU B 173 -30.36 7.57 -18.81
C GLU B 173 -29.11 7.03 -18.16
N PHE B 174 -28.40 6.24 -18.94
CA PHE B 174 -27.21 5.62 -18.47
C PHE B 174 -25.98 6.27 -19.10
N LEU B 175 -25.36 5.59 -20.06
CA LEU B 175 -24.17 6.08 -20.68
C LEU B 175 -24.30 6.83 -22.01
N ASN B 176 -25.51 6.95 -22.50
CA ASN B 176 -25.73 7.82 -23.64
C ASN B 176 -24.80 7.71 -24.84
N GLY B 177 -24.70 6.53 -25.36
CA GLY B 177 -23.96 6.25 -26.55
C GLY B 177 -22.47 6.12 -26.51
N ARG B 178 -21.93 6.19 -25.34
CA ARG B 178 -20.52 6.16 -25.15
C ARG B 178 -19.85 4.81 -25.27
N VAL B 179 -20.63 3.75 -25.17
CA VAL B 179 -20.04 2.43 -25.13
C VAL B 179 -19.92 1.73 -26.47
N GLN B 180 -18.72 1.24 -26.74
CA GLN B 180 -18.38 0.50 -27.93
C GLN B 180 -18.72 -0.96 -27.85
N SER B 181 -18.82 -1.61 -29.00
CA SER B 181 -19.12 -3.01 -29.03
C SER B 181 -18.01 -3.86 -28.40
N THR B 182 -16.83 -3.28 -28.37
CA THR B 182 -15.67 -3.95 -27.83
C THR B 182 -15.57 -3.73 -26.33
N GLU B 183 -16.63 -3.22 -25.76
CA GLU B 183 -16.75 -2.96 -24.36
C GLU B 183 -18.04 -3.57 -23.87
N LEU B 184 -18.13 -3.76 -22.57
CA LEU B 184 -19.34 -4.24 -21.93
C LEU B 184 -19.58 -3.38 -20.67
N CYS B 185 -20.80 -3.38 -20.18
CA CYS B 185 -21.17 -2.64 -19.01
C CYS B 185 -21.61 -3.53 -17.87
N ALA B 186 -21.30 -3.13 -16.66
CA ALA B 186 -21.75 -3.86 -15.51
C ALA B 186 -21.88 -2.90 -14.36
N GLY B 187 -22.93 -3.05 -13.59
CA GLY B 187 -23.08 -2.17 -12.50
C GLY B 187 -24.37 -2.30 -11.72
N HIS B 188 -24.35 -1.74 -10.52
CA HIS B 188 -25.47 -1.69 -9.60
C HIS B 188 -26.04 -0.27 -9.79
N LEU B 189 -27.13 -0.19 -10.50
CA LEU B 189 -27.69 1.09 -10.86
C LEU B 189 -28.16 1.96 -9.73
N ALA B 190 -28.44 1.36 -8.59
CA ALA B 190 -28.83 2.15 -7.45
C ALA B 190 -27.69 2.96 -6.85
N GLY B 191 -26.48 2.59 -7.22
CA GLY B 191 -25.28 3.22 -6.72
C GLY B 191 -24.66 2.60 -5.47
N GLY B 192 -23.47 3.08 -5.16
CA GLY B 192 -22.75 2.67 -3.98
C GLY B 192 -21.78 1.52 -4.05
N THR B 193 -21.77 0.78 -5.12
CA THR B 193 -20.85 -0.35 -5.28
C THR B 193 -20.25 -0.32 -6.66
N ASP B 194 -18.93 -0.29 -6.78
CA ASP B 194 -18.36 -0.22 -8.09
C ASP B 194 -16.85 -0.42 -8.03
N SER B 195 -16.30 -0.78 -9.15
CA SER B 195 -14.86 -0.79 -9.27
C SER B 195 -14.51 0.69 -9.39
N CYS B 196 -13.29 1.05 -9.06
CA CYS B 196 -12.90 2.44 -9.11
C CYS B 196 -11.43 2.61 -9.41
N GLN B 197 -10.93 3.81 -9.22
CA GLN B 197 -9.55 4.07 -9.49
C GLN B 197 -8.72 3.14 -8.67
N GLY B 198 -7.75 2.56 -9.31
CA GLY B 198 -6.87 1.59 -8.70
C GLY B 198 -7.29 0.17 -9.01
N ASP B 199 -8.52 0.00 -9.45
CA ASP B 199 -9.00 -1.29 -9.87
C ASP B 199 -8.83 -1.48 -11.40
N ALA B 200 -8.55 -0.42 -12.11
CA ALA B 200 -8.44 -0.52 -13.53
C ALA B 200 -7.44 -1.55 -13.95
N GLY B 201 -7.73 -2.25 -15.02
CA GLY B 201 -6.87 -3.27 -15.54
C GLY B 201 -7.16 -4.61 -14.94
N GLY B 202 -7.92 -4.59 -13.86
CA GLY B 202 -8.27 -5.78 -13.16
C GLY B 202 -9.41 -6.53 -13.82
N PRO B 203 -9.73 -7.68 -13.26
CA PRO B 203 -10.74 -8.53 -13.86
C PRO B 203 -12.21 -8.30 -13.57
N LEU B 204 -13.04 -8.68 -14.53
CA LEU B 204 -14.45 -8.82 -14.39
C LEU B 204 -14.59 -10.31 -14.81
N VAL B 205 -14.93 -11.16 -13.86
CA VAL B 205 -15.09 -12.58 -14.10
C VAL B 205 -16.53 -13.04 -13.87
N CYS B 206 -16.96 -13.99 -14.67
CA CYS B 206 -18.29 -14.52 -14.55
C CYS B 206 -18.22 -16.02 -14.46
N PHE B 207 -18.93 -16.57 -13.51
CA PHE B 207 -18.93 -18.00 -13.32
C PHE B 207 -19.69 -18.65 -14.44
N GLU B 208 -19.14 -19.70 -15.01
CA GLU B 208 -19.73 -20.40 -16.10
C GLU B 208 -19.56 -21.90 -15.93
N LYS B 209 -20.63 -22.53 -15.47
CA LYS B 209 -20.73 -23.95 -15.29
C LYS B 209 -19.85 -24.50 -14.17
N ASP B 210 -18.54 -24.39 -14.32
CA ASP B 210 -17.67 -24.90 -13.33
C ASP B 210 -16.43 -24.07 -13.08
N LYS B 211 -16.35 -22.89 -13.65
CA LYS B 211 -15.19 -22.09 -13.51
C LYS B 211 -15.48 -20.65 -13.84
N TYR B 212 -14.54 -19.79 -13.54
CA TYR B 212 -14.69 -18.40 -13.83
C TYR B 212 -14.00 -18.04 -15.12
N ILE B 213 -14.70 -17.26 -15.92
CA ILE B 213 -14.19 -16.77 -17.17
C ILE B 213 -13.96 -15.24 -17.11
N LEU B 214 -12.82 -14.83 -17.60
CA LEU B 214 -12.52 -13.43 -17.64
C LEU B 214 -13.24 -12.80 -18.84
N GLN B 215 -14.27 -12.05 -18.57
CA GLN B 215 -15.06 -11.44 -19.60
C GLN B 215 -14.79 -9.98 -19.78
N GLY B 216 -14.26 -9.35 -18.75
CA GLY B 216 -13.97 -7.96 -18.86
C GLY B 216 -12.71 -7.45 -18.16
N VAL B 217 -12.20 -6.34 -18.63
CA VAL B 217 -11.08 -5.68 -18.01
C VAL B 217 -11.59 -4.31 -17.59
N THR B 218 -11.45 -4.00 -16.32
CA THR B 218 -11.92 -2.75 -15.75
C THR B 218 -11.24 -1.58 -16.45
N SER B 219 -12.05 -0.71 -17.03
CA SER B 219 -11.50 0.35 -17.83
C SER B 219 -11.82 1.78 -17.42
N TRP B 220 -13.09 2.12 -17.45
CA TRP B 220 -13.52 3.47 -17.18
C TRP B 220 -14.95 3.59 -16.67
N GLY B 221 -15.30 4.79 -16.27
CA GLY B 221 -16.64 5.08 -15.85
C GLY B 221 -16.88 6.57 -15.70
N LEU B 222 -18.14 6.96 -15.61
CA LEU B 222 -18.45 8.35 -15.36
C LEU B 222 -18.57 8.32 -13.84
N GLY B 223 -17.45 8.58 -13.21
CA GLY B 223 -17.34 8.50 -11.80
C GLY B 223 -17.32 7.04 -11.40
N CYS B 224 -17.47 6.80 -10.12
CA CYS B 224 -17.55 5.51 -9.53
C CYS B 224 -18.76 5.41 -8.64
N ALA B 225 -19.50 4.36 -8.79
CA ALA B 225 -20.61 4.06 -7.94
C ALA B 225 -21.76 5.04 -7.93
N ARG B 226 -21.85 5.84 -8.96
CA ARG B 226 -22.94 6.76 -9.10
C ARG B 226 -24.16 6.00 -9.62
N PRO B 227 -25.33 6.40 -9.16
CA PRO B 227 -26.53 5.76 -9.64
C PRO B 227 -26.66 5.97 -11.13
N ASN B 228 -27.19 4.97 -11.79
CA ASN B 228 -27.47 5.03 -13.18
C ASN B 228 -26.26 5.27 -14.05
N LYS B 229 -25.10 4.92 -13.51
CA LYS B 229 -23.83 5.11 -14.21
C LYS B 229 -22.96 3.87 -14.02
N PRO B 230 -23.28 2.86 -14.81
CA PRO B 230 -22.55 1.62 -14.74
C PRO B 230 -21.15 1.72 -15.30
N GLY B 231 -20.27 0.88 -14.80
CA GLY B 231 -18.90 0.82 -15.22
C GLY B 231 -18.73 0.19 -16.59
N VAL B 232 -17.65 0.56 -17.28
CA VAL B 232 -17.35 0.06 -18.57
C VAL B 232 -16.07 -0.74 -18.53
N TYR B 233 -16.13 -1.89 -19.17
CA TYR B 233 -15.08 -2.85 -19.20
C TYR B 233 -14.74 -3.22 -20.64
N VAL B 234 -13.49 -3.48 -20.92
CA VAL B 234 -13.18 -3.96 -22.22
C VAL B 234 -13.73 -5.40 -22.33
N ARG B 235 -14.32 -5.70 -23.47
CA ARG B 235 -14.90 -7.00 -23.72
C ARG B 235 -13.80 -7.92 -24.17
N VAL B 236 -13.36 -8.73 -23.24
CA VAL B 236 -12.24 -9.60 -23.49
C VAL B 236 -12.44 -10.53 -24.70
N SER B 237 -13.64 -10.98 -24.89
CA SER B 237 -13.84 -11.90 -25.98
C SER B 237 -13.50 -11.35 -27.34
N ARG B 238 -13.57 -10.05 -27.46
CA ARG B 238 -13.31 -9.42 -28.73
C ARG B 238 -11.83 -9.32 -29.01
N PHE B 239 -11.04 -9.67 -28.01
CA PHE B 239 -9.59 -9.62 -28.11
C PHE B 239 -8.88 -10.94 -27.90
N VAL B 240 -9.63 -11.99 -27.78
CA VAL B 240 -9.06 -13.28 -27.53
C VAL B 240 -8.12 -13.73 -28.64
N THR B 241 -8.50 -13.54 -29.85
CA THR B 241 -7.66 -13.95 -30.95
C THR B 241 -6.37 -13.17 -30.94
N TRP B 242 -6.46 -11.89 -30.67
CA TRP B 242 -5.27 -11.09 -30.58
C TRP B 242 -4.37 -11.56 -29.46
N ILE B 243 -4.97 -11.84 -28.32
CA ILE B 243 -4.21 -12.28 -27.18
C ILE B 243 -3.50 -13.59 -27.45
N GLU B 244 -4.20 -14.51 -28.04
CA GLU B 244 -3.60 -15.78 -28.34
C GLU B 244 -2.43 -15.64 -29.28
N GLY B 245 -2.58 -14.77 -30.23
CA GLY B 245 -1.53 -14.56 -31.19
C GLY B 245 -0.31 -14.00 -30.53
N VAL B 246 -0.50 -13.03 -29.65
CA VAL B 246 0.63 -12.44 -28.96
C VAL B 246 1.29 -13.50 -28.12
N MET B 247 0.49 -14.27 -27.40
CA MET B 247 1.12 -15.43 -26.41
CA MET B 247 1.13 -15.43 -26.42
C MET B 247 1.97 -16.48 -27.43
N ARG B 248 1.37 -16.76 -28.55
CA ARG B 248 1.93 -17.71 -29.46
C ARG B 248 3.24 -17.21 -30.07
N ASN B 249 3.29 -15.97 -30.43
CA ASN B 249 4.45 -15.48 -31.12
C ASN B 249 5.50 -14.75 -30.32
N ASN B 250 5.37 -14.74 -28.99
CA ASN B 250 6.30 -14.02 -28.14
C ASN B 250 6.62 -14.74 -26.88
#